data_4MV0
#
_entry.id   4MV0
#
_cell.length_a   69.470
_cell.length_b   80.800
_cell.length_c   111.490
_cell.angle_alpha   90.00
_cell.angle_beta   90.00
_cell.angle_gamma   90.00
#
_symmetry.space_group_name_H-M   'P 21 21 21'
#
loop_
_entity.id
_entity.type
_entity.pdbx_description
1 polymer '4-hydroxy-3-methylbut-2-enyl diphosphate reductase'
2 non-polymer 'FE3-S4 CLUSTER'
3 non-polymer 'pyridin-2-ylmethyl trihydrogen diphosphate'
4 water water
#
_entity_poly.entity_id   1
_entity_poly.type   'polypeptide(L)'
_entity_poly.pdbx_seq_one_letter_code
;MRGSHHHHHHGSMQILLANPRGFCAGVDRAISIVENALAIYGAPIYVRHEVVHNRYVVDSLRERGAIFIEQISEVPDGAI
LIFSAHGVSQAVRNEAKSRDLTVFDATCPLVTKVHMEVARASRRGEESILIGHAGHPEVEGTMGQYSNPEGGMYLVESPD
DVWKLTVKNEEKLSFMTQTTLSVDDTSDVIDALRKRFPKIVGPRKDDICYATTNRQEAVRALAEQAEVVLVVGSKNSSNS
NRLAELAQRMGKRAFLIDDAKDIQEEWVKEVKCVGVTAGASAPDILVQNVVARLQQLGGGEAIPLEGREENIVFEVPKEL
RVDIREV
;
_entity_poly.pdbx_strand_id   A,B
#
loop_
_chem_comp.id
_chem_comp.type
_chem_comp.name
_chem_comp.formula
2E6 non-polymer 'pyridin-2-ylmethyl trihydrogen diphosphate' 'C6 H9 N O7 P2'
F3S non-polymer 'FE3-S4 CLUSTER' 'Fe3 S4'
#
# COMPACT_ATOMS: atom_id res chain seq x y z
N MET A 13 3.98 -0.74 -39.84
CA MET A 13 3.88 -1.44 -38.50
C MET A 13 3.63 -0.46 -37.36
N GLN A 14 2.54 -0.67 -36.62
CA GLN A 14 2.18 0.19 -35.52
C GLN A 14 2.82 -0.40 -34.26
N ILE A 15 3.43 0.46 -33.45
CA ILE A 15 4.02 0.03 -32.17
C ILE A 15 3.11 0.56 -31.09
N LEU A 16 2.69 -0.33 -30.20
CA LEU A 16 1.85 0.01 -29.06
C LEU A 16 2.60 -0.26 -27.74
N LEU A 17 2.39 0.59 -26.73
CA LEU A 17 3.05 0.43 -25.45
C LEU A 17 2.04 0.19 -24.36
N ALA A 18 2.26 -0.86 -23.60
CA ALA A 18 1.39 -1.20 -22.51
C ALA A 18 1.58 -0.19 -21.40
N ASN A 19 0.48 -0.01 -20.67
CA ASN A 19 0.41 0.94 -19.58
C ASN A 19 -0.49 0.39 -18.47
N PRO A 20 0.05 0.17 -17.25
CA PRO A 20 1.44 0.40 -16.88
C PRO A 20 2.42 -0.65 -17.35
N ARG A 21 3.69 -0.27 -17.31
CA ARG A 21 4.80 -1.15 -17.65
C ARG A 21 5.99 -0.65 -16.89
N GLY A 22 6.99 -1.51 -16.78
CA GLY A 22 8.24 -1.13 -16.20
C GLY A 22 8.20 -0.96 -14.71
N PHE A 23 9.12 -0.14 -14.19
CA PHE A 23 9.41 0.01 -12.78
C PHE A 23 8.21 0.16 -11.88
N CYS A 24 8.25 -0.62 -10.78
CA CYS A 24 7.31 -0.54 -9.68
C CYS A 24 7.98 0.26 -8.57
N ALA A 25 7.28 0.41 -7.44
CA ALA A 25 7.75 1.23 -6.35
C ALA A 25 8.83 0.52 -5.57
N GLY A 26 8.69 -0.78 -5.45
CA GLY A 26 9.67 -1.59 -4.73
C GLY A 26 11.01 -1.61 -5.42
N VAL A 27 10.97 -1.73 -6.75
CA VAL A 27 12.21 -1.77 -7.55
C VAL A 27 12.93 -0.42 -7.45
N ASP A 28 12.15 0.65 -7.57
CA ASP A 28 12.71 2.00 -7.56
C ASP A 28 13.34 2.31 -6.21
N ARG A 29 12.70 1.86 -5.14
CA ARG A 29 13.29 2.01 -3.81
C ARG A 29 14.61 1.21 -3.65
N ALA A 30 14.60 -0.05 -4.09
CA ALA A 30 15.76 -0.94 -3.85
C ALA A 30 17.00 -0.48 -4.62
N ILE A 31 16.79 -0.03 -5.85
CA ILE A 31 17.88 0.51 -6.66
C ILE A 31 18.40 1.76 -6.00
N SER A 32 17.52 2.65 -5.57
CA SER A 32 17.98 3.86 -4.92
C SER A 32 18.68 3.61 -3.59
N ILE A 33 18.32 2.54 -2.89
CA ILE A 33 19.00 2.14 -1.65
C ILE A 33 20.46 1.84 -1.95
N VAL A 34 20.72 1.10 -3.02
CA VAL A 34 22.07 0.73 -3.36
C VAL A 34 22.83 1.97 -3.87
N GLU A 35 22.22 2.71 -4.79
CA GLU A 35 22.85 3.93 -5.30
C GLU A 35 23.28 4.88 -4.17
N ASN A 36 22.37 5.11 -3.24
CA ASN A 36 22.60 6.05 -2.17
C ASN A 36 23.56 5.54 -1.12
N ALA A 37 23.61 4.23 -0.92
CA ALA A 37 24.61 3.69 -0.01
C ALA A 37 26.00 3.88 -0.60
N LEU A 38 26.10 3.68 -1.91
CA LEU A 38 27.34 3.90 -2.68
C LEU A 38 27.73 5.38 -2.69
N ALA A 39 26.73 6.27 -2.66
CA ALA A 39 27.00 7.70 -2.64
C ALA A 39 27.45 8.16 -1.27
N ILE A 40 26.87 7.58 -0.21
CA ILE A 40 27.25 7.97 1.16
C ILE A 40 28.53 7.32 1.65
N TYR A 41 28.74 6.03 1.35
CA TYR A 41 29.87 5.30 1.91
C TYR A 41 30.94 4.90 0.89
N GLY A 42 30.74 5.24 -0.37
CA GLY A 42 31.66 4.80 -1.42
C GLY A 42 31.61 3.31 -1.68
N ALA A 43 32.23 2.89 -2.78
CA ALA A 43 32.43 1.47 -3.07
C ALA A 43 33.44 0.88 -2.11
N PRO A 44 33.36 -0.44 -1.88
CA PRO A 44 32.36 -1.36 -2.36
C PRO A 44 31.17 -1.42 -1.39
N ILE A 45 29.99 -1.68 -1.93
CA ILE A 45 28.80 -1.98 -1.15
C ILE A 45 28.42 -3.40 -1.52
N TYR A 46 28.22 -4.27 -0.55
CA TYR A 46 27.84 -5.63 -0.87
C TYR A 46 26.33 -5.77 -0.89
N VAL A 47 25.84 -6.55 -1.84
CA VAL A 47 24.41 -6.83 -2.01
C VAL A 47 24.19 -8.36 -2.11
N ARG A 48 23.43 -8.90 -1.18
CA ARG A 48 23.08 -10.30 -1.22
C ARG A 48 22.05 -10.58 -2.32
N HIS A 49 22.48 -11.30 -3.35
CA HIS A 49 21.63 -11.62 -4.50
C HIS A 49 21.47 -10.37 -5.38
N GLU A 50 21.09 -10.56 -6.64
CA GLU A 50 20.74 -9.46 -7.51
C GLU A 50 19.69 -8.58 -6.82
N VAL A 51 19.95 -7.27 -6.74
CA VAL A 51 19.05 -6.39 -6.00
C VAL A 51 17.62 -6.47 -6.54
N VAL A 52 17.53 -6.52 -7.87
CA VAL A 52 16.33 -6.88 -8.61
C VAL A 52 16.75 -7.80 -9.75
N HIS A 53 15.80 -8.51 -10.34
CA HIS A 53 16.12 -9.47 -11.41
C HIS A 53 16.19 -8.80 -12.80
N ASN A 54 17.17 -7.93 -12.97
CA ASN A 54 17.41 -7.29 -14.26
C ASN A 54 18.90 -7.12 -14.48
N ARG A 55 19.40 -7.84 -15.46
CA ARG A 55 20.81 -7.84 -15.79
C ARG A 55 21.36 -6.42 -16.00
N TYR A 56 20.69 -5.59 -16.81
CA TYR A 56 21.14 -4.20 -17.01
C TYR A 56 21.26 -3.37 -15.72
N VAL A 57 20.31 -3.50 -14.81
CA VAL A 57 20.37 -2.78 -13.54
C VAL A 57 21.52 -3.32 -12.72
N VAL A 58 21.66 -4.64 -12.71
CA VAL A 58 22.72 -5.28 -11.92
C VAL A 58 24.12 -4.94 -12.44
N ASP A 59 24.34 -5.14 -13.73
CA ASP A 59 25.62 -4.75 -14.34
C ASP A 59 25.94 -3.26 -14.15
N SER A 60 24.94 -2.37 -14.12
CA SER A 60 25.18 -0.92 -13.89
C SER A 60 25.77 -0.70 -12.52
N LEU A 61 25.04 -1.19 -11.51
CA LEU A 61 25.44 -1.08 -10.12
C LEU A 61 26.79 -1.76 -9.86
N ARG A 62 27.02 -2.90 -10.51
CA ARG A 62 28.25 -3.69 -10.37
C ARG A 62 29.45 -2.89 -10.83
N GLU A 63 29.29 -2.25 -11.98
CA GLU A 63 30.33 -1.42 -12.56
C GLU A 63 30.50 -0.13 -11.74
N ARG A 64 29.49 0.22 -10.91
CA ARG A 64 29.61 1.30 -9.91
C ARG A 64 30.21 0.90 -8.56
N GLY A 65 30.68 -0.33 -8.43
CA GLY A 65 31.34 -0.78 -7.20
C GLY A 65 30.46 -1.53 -6.22
N ALA A 66 29.21 -1.81 -6.58
CA ALA A 66 28.44 -2.73 -5.77
C ALA A 66 28.90 -4.14 -6.12
N ILE A 67 29.00 -4.99 -5.10
CA ILE A 67 29.42 -6.38 -5.30
C ILE A 67 28.34 -7.37 -4.89
N PHE A 68 27.86 -8.14 -5.85
CA PHE A 68 26.79 -9.06 -5.59
C PHE A 68 27.36 -10.38 -5.12
N ILE A 69 26.77 -10.91 -4.06
CA ILE A 69 27.24 -12.11 -3.39
C ILE A 69 26.02 -12.95 -3.01
N GLU A 70 26.24 -14.25 -2.75
CA GLU A 70 25.11 -15.15 -2.47
C GLU A 70 25.02 -15.65 -1.03
N GLN A 71 26.11 -15.55 -0.27
CA GLN A 71 26.09 -15.88 1.17
C GLN A 71 26.84 -14.81 1.97
N ILE A 72 26.44 -14.64 3.23
CA ILE A 72 26.96 -13.59 4.10
C ILE A 72 28.43 -13.82 4.43
N SER A 73 28.87 -15.08 4.34
CA SER A 73 30.27 -15.44 4.56
C SER A 73 31.18 -14.69 3.59
N GLU A 74 30.70 -14.51 2.36
CA GLU A 74 31.47 -13.80 1.32
C GLU A 74 31.74 -12.33 1.66
N VAL A 75 30.94 -11.78 2.57
CA VAL A 75 31.07 -10.37 2.97
C VAL A 75 32.04 -10.26 4.14
N PRO A 76 33.02 -9.34 4.04
CA PRO A 76 34.02 -9.16 5.08
C PRO A 76 33.49 -8.38 6.28
N ASP A 77 34.31 -8.29 7.33
CA ASP A 77 33.96 -7.53 8.53
C ASP A 77 34.01 -6.03 8.25
N GLY A 78 33.16 -5.29 8.98
CA GLY A 78 33.05 -3.85 8.84
C GLY A 78 32.44 -3.39 7.52
N ALA A 79 31.72 -4.27 6.84
CA ALA A 79 31.18 -3.95 5.51
C ALA A 79 29.75 -3.49 5.57
N ILE A 80 29.32 -2.93 4.45
CA ILE A 80 27.92 -2.58 4.24
C ILE A 80 27.31 -3.68 3.38
N LEU A 81 26.18 -4.22 3.81
CA LEU A 81 25.47 -5.28 3.09
C LEU A 81 24.03 -4.88 2.85
N ILE A 82 23.56 -4.97 1.61
CA ILE A 82 22.15 -4.73 1.29
C ILE A 82 21.45 -6.07 1.03
N PHE A 83 20.28 -6.27 1.66
CA PHE A 83 19.38 -7.37 1.26
C PHE A 83 18.58 -6.97 0.04
N SER A 84 18.46 -7.86 -0.95
CA SER A 84 17.73 -7.53 -2.20
C SER A 84 16.20 -7.33 -1.98
N ALA A 85 15.53 -6.91 -3.04
CA ALA A 85 14.12 -6.57 -2.97
C ALA A 85 13.28 -7.81 -2.69
N HIS A 86 13.81 -8.96 -3.04
CA HIS A 86 13.13 -10.26 -2.82
C HIS A 86 13.08 -10.68 -1.34
N GLY A 87 13.92 -10.08 -0.51
CA GLY A 87 13.91 -10.36 0.92
C GLY A 87 14.71 -11.60 1.28
N VAL A 88 14.86 -11.84 2.59
CA VAL A 88 15.77 -12.88 3.09
C VAL A 88 15.13 -13.66 4.24
N SER A 89 15.66 -14.85 4.52
CA SER A 89 15.12 -15.66 5.61
C SER A 89 15.51 -15.06 6.96
N GLN A 90 14.88 -15.53 8.05
CA GLN A 90 15.31 -15.12 9.37
C GLN A 90 16.75 -15.55 9.56
N ALA A 91 17.05 -16.78 9.16
CA ALA A 91 18.40 -17.34 9.28
C ALA A 91 19.42 -16.41 8.68
N VAL A 92 19.15 -15.94 7.47
CA VAL A 92 20.04 -15.00 6.79
C VAL A 92 20.12 -13.68 7.60
N ARG A 93 18.97 -13.16 8.05
CA ARG A 93 18.96 -11.91 8.80
C ARG A 93 19.76 -12.01 10.09
N ASN A 94 19.60 -13.12 10.79
CA ASN A 94 20.31 -13.37 12.05
C ASN A 94 21.81 -13.54 11.86
N GLU A 95 22.19 -14.27 10.82
CA GLU A 95 23.60 -14.44 10.48
C GLU A 95 24.27 -13.08 10.25
N ALA A 96 23.54 -12.16 9.61
CA ALA A 96 24.00 -10.78 9.41
C ALA A 96 23.99 -9.98 10.71
N LYS A 97 22.89 -10.07 11.47
CA LYS A 97 22.72 -9.36 12.76
C LYS A 97 23.96 -9.44 13.64
N SER A 98 24.55 -10.62 13.70
CA SER A 98 25.61 -10.93 14.63
C SER A 98 26.85 -11.22 13.85
N ARG A 99 27.25 -10.25 13.01
CA ARG A 99 28.43 -10.40 12.19
C ARG A 99 29.13 -9.07 11.85
N ASP A 100 28.98 -8.06 12.72
CA ASP A 100 29.67 -6.77 12.56
C ASP A 100 29.50 -6.17 11.17
N LEU A 101 28.25 -5.95 10.79
CA LEU A 101 27.93 -5.37 9.50
C LEU A 101 26.96 -4.23 9.69
N THR A 102 27.05 -3.26 8.81
CA THR A 102 26.01 -2.27 8.65
C THR A 102 25.09 -2.85 7.58
N VAL A 103 23.84 -3.07 7.95
CA VAL A 103 22.89 -3.74 7.06
C VAL A 103 21.79 -2.75 6.71
N PHE A 104 21.48 -2.64 5.40
CA PHE A 104 20.28 -1.94 4.96
C PHE A 104 19.41 -2.94 4.21
N ASP A 105 18.11 -2.79 4.37
CA ASP A 105 17.17 -3.77 3.87
C ASP A 105 16.37 -3.20 2.71
N ALA A 106 16.65 -3.69 1.50
CA ALA A 106 15.92 -3.25 0.32
C ALA A 106 14.69 -4.12 -0.03
N THR A 107 14.36 -5.05 0.85
CA THR A 107 13.18 -5.88 0.70
C THR A 107 12.01 -4.94 0.47
N CYS A 108 11.19 -5.25 -0.54
CA CYS A 108 10.03 -4.45 -0.84
C CYS A 108 9.01 -4.52 0.24
N PRO A 109 8.48 -3.37 0.65
CA PRO A 109 7.43 -3.37 1.67
C PRO A 109 6.30 -4.41 1.43
N LEU A 110 6.03 -4.73 0.17
CA LEU A 110 4.94 -5.64 -0.13
C LEU A 110 5.32 -7.12 0.02
N VAL A 111 6.61 -7.39 0.14
CA VAL A 111 7.11 -8.71 0.55
C VAL A 111 7.18 -8.76 2.07
N THR A 112 7.71 -7.72 2.70
CA THR A 112 7.73 -7.68 4.18
C THR A 112 6.34 -7.90 4.75
N LYS A 113 5.33 -7.32 4.14
CA LYS A 113 3.95 -7.51 4.60
C LYS A 113 3.59 -9.03 4.68
N VAL A 114 3.93 -9.78 3.64
CA VAL A 114 3.73 -11.21 3.65
C VAL A 114 4.60 -11.90 4.74
N HIS A 115 5.86 -11.46 4.89
CA HIS A 115 6.76 -12.00 5.94
C HIS A 115 6.11 -11.91 7.34
N MET A 116 5.53 -10.78 7.66
CA MET A 116 4.94 -10.55 8.98
C MET A 116 3.80 -11.52 9.28
N GLU A 117 3.06 -11.93 8.25
CA GLU A 117 1.98 -12.86 8.43
C GLU A 117 2.47 -14.30 8.61
N VAL A 118 3.51 -14.67 7.90
CA VAL A 118 4.12 -15.98 8.11
C VAL A 118 4.69 -16.06 9.55
N ALA A 119 5.38 -15.01 9.98
CA ALA A 119 5.93 -14.93 11.34
C ALA A 119 4.85 -15.09 12.40
N ARG A 120 3.74 -14.36 12.24
CA ARG A 120 2.57 -14.49 13.11
C ARG A 120 2.14 -15.96 13.24
N ALA A 121 1.94 -16.64 12.11
CA ALA A 121 1.56 -18.06 12.12
C ALA A 121 2.57 -18.88 12.89
N SER A 122 3.85 -18.69 12.60
CA SER A 122 4.91 -19.45 13.25
C SER A 122 4.89 -19.30 14.77
N ARG A 123 4.65 -18.08 15.28
CA ARG A 123 4.58 -17.84 16.74
C ARG A 123 3.43 -18.60 17.42
N ARG A 124 2.28 -18.66 16.76
CA ARG A 124 1.13 -19.40 17.28
C ARG A 124 1.17 -20.89 16.96
N GLY A 125 2.29 -21.38 16.43
CA GLY A 125 2.42 -22.78 16.03
C GLY A 125 1.35 -23.29 15.07
N GLU A 126 0.89 -22.44 14.16
CA GLU A 126 -0.19 -22.77 13.24
C GLU A 126 0.34 -22.89 11.82
N GLU A 127 -0.15 -23.90 11.09
CA GLU A 127 0.41 -24.23 9.80
C GLU A 127 0.07 -23.18 8.73
N SER A 128 1.03 -22.96 7.83
CA SER A 128 0.85 -22.03 6.73
C SER A 128 1.25 -22.67 5.42
N ILE A 129 0.51 -22.28 4.39
CA ILE A 129 0.73 -22.74 3.04
C ILE A 129 1.08 -21.52 2.19
N LEU A 130 2.22 -21.58 1.52
CA LEU A 130 2.58 -20.53 0.57
C LEU A 130 2.30 -20.98 -0.87
N ILE A 131 1.59 -20.16 -1.64
CA ILE A 131 1.50 -20.34 -3.09
C ILE A 131 2.66 -19.61 -3.74
N GLY A 132 3.54 -20.38 -4.39
CA GLY A 132 4.66 -19.78 -5.11
C GLY A 132 5.49 -20.79 -5.87
N HIS A 133 6.59 -20.32 -6.43
CA HIS A 133 7.44 -21.15 -7.27
C HIS A 133 8.69 -21.56 -6.51
N ALA A 134 8.89 -22.88 -6.38
CA ALA A 134 10.04 -23.44 -5.69
C ALA A 134 11.36 -22.84 -6.14
N GLY A 135 12.23 -22.52 -5.17
CA GLY A 135 13.58 -22.06 -5.47
C GLY A 135 13.76 -20.59 -5.79
N HIS A 136 12.68 -19.86 -6.02
CA HIS A 136 12.76 -18.41 -6.15
C HIS A 136 13.18 -17.78 -4.80
N PRO A 137 14.05 -16.74 -4.81
CA PRO A 137 14.47 -16.14 -3.54
C PRO A 137 13.34 -15.56 -2.67
N GLU A 138 12.27 -15.01 -3.27
CA GLU A 138 11.14 -14.56 -2.44
C GLU A 138 10.53 -15.71 -1.64
N VAL A 139 10.39 -16.85 -2.31
CA VAL A 139 9.88 -18.02 -1.67
C VAL A 139 10.82 -18.49 -0.54
N GLU A 140 12.13 -18.46 -0.79
CA GLU A 140 13.10 -18.89 0.21
C GLU A 140 12.96 -17.99 1.43
N GLY A 141 12.97 -16.68 1.20
CA GLY A 141 12.80 -15.71 2.28
C GLY A 141 11.48 -15.83 3.02
N THR A 142 10.40 -16.09 2.30
CA THR A 142 9.09 -16.08 2.94
C THR A 142 8.91 -17.36 3.73
N MET A 143 9.26 -18.52 3.15
CA MET A 143 9.27 -19.79 3.93
C MET A 143 10.20 -19.69 5.15
N GLY A 144 11.33 -19.00 4.98
CA GLY A 144 12.31 -18.86 6.05
C GLY A 144 11.92 -17.89 7.17
N GLN A 145 10.69 -17.42 7.15
CA GLN A 145 10.14 -16.69 8.28
C GLN A 145 9.40 -17.63 9.23
N TYR A 146 9.17 -18.87 8.80
CA TYR A 146 8.49 -19.85 9.64
C TYR A 146 9.57 -20.73 10.27
N SER A 147 9.52 -20.89 11.60
CA SER A 147 10.53 -21.67 12.30
C SER A 147 9.99 -22.70 13.31
N ASN A 148 8.68 -22.69 13.57
CA ASN A 148 8.13 -23.49 14.69
C ASN A 148 7.90 -24.96 14.31
N PRO A 149 8.69 -25.90 14.88
CA PRO A 149 8.50 -27.34 14.53
C PRO A 149 7.13 -27.93 14.87
N GLU A 150 6.39 -27.26 15.74
CA GLU A 150 5.04 -27.71 16.13
C GLU A 150 4.06 -27.57 14.99
N GLY A 151 4.16 -26.46 14.26
CA GLY A 151 3.34 -26.25 13.08
C GLY A 151 4.03 -26.78 11.83
N GLY A 152 3.95 -26.00 10.75
CA GLY A 152 4.64 -26.34 9.52
C GLY A 152 4.43 -25.27 8.46
N MET A 153 5.30 -25.28 7.47
CA MET A 153 5.25 -24.33 6.34
C MET A 153 5.34 -25.15 5.08
N TYR A 154 4.34 -25.05 4.21
CA TYR A 154 4.30 -25.88 3.01
C TYR A 154 4.25 -25.01 1.77
N LEU A 155 4.84 -25.47 0.69
CA LEU A 155 4.81 -24.75 -0.60
C LEU A 155 3.87 -25.48 -1.55
N VAL A 156 2.93 -24.77 -2.19
CA VAL A 156 2.18 -25.36 -3.30
C VAL A 156 2.31 -24.45 -4.53
N GLU A 157 2.29 -25.05 -5.71
CA GLU A 157 2.44 -24.32 -6.98
C GLU A 157 1.19 -24.44 -7.86
N SER A 158 0.35 -25.44 -7.62
CA SER A 158 -0.74 -25.82 -8.53
C SER A 158 -1.92 -26.42 -7.78
N PRO A 159 -3.08 -26.54 -8.44
CA PRO A 159 -4.16 -27.31 -7.81
C PRO A 159 -3.73 -28.74 -7.45
N ASP A 160 -2.96 -29.40 -8.32
CA ASP A 160 -2.53 -30.79 -8.03
C ASP A 160 -1.69 -30.87 -6.77
N ASP A 161 -0.83 -29.88 -6.54
CA ASP A 161 0.00 -29.85 -5.33
C ASP A 161 -0.89 -29.79 -4.11
N VAL A 162 -1.96 -29.00 -4.19
CA VAL A 162 -2.96 -28.90 -3.12
C VAL A 162 -3.68 -30.24 -2.89
N TRP A 163 -4.11 -30.87 -3.98
CA TRP A 163 -4.85 -32.13 -3.93
C TRP A 163 -3.99 -33.22 -3.25
N LYS A 164 -2.67 -33.05 -3.26
CA LYS A 164 -1.73 -33.99 -2.62
C LYS A 164 -1.31 -33.63 -1.19
N LEU A 165 -1.64 -32.45 -0.73
CA LEU A 165 -1.10 -31.97 0.54
C LEU A 165 -1.90 -32.49 1.73
N THR A 166 -1.18 -32.99 2.73
CA THR A 166 -1.76 -33.30 4.02
C THR A 166 -1.11 -32.41 5.08
N VAL A 167 -1.90 -32.03 6.08
CA VAL A 167 -1.44 -31.16 7.14
C VAL A 167 -1.85 -31.75 8.48
N LYS A 168 -1.17 -31.29 9.52
CA LYS A 168 -1.44 -31.74 10.88
C LYS A 168 -2.81 -31.30 11.39
N ASN A 169 -3.10 -30.02 11.36
CA ASN A 169 -4.39 -29.51 11.81
C ASN A 169 -4.96 -28.53 10.84
N GLU A 170 -5.96 -28.99 10.10
CA GLU A 170 -6.56 -28.14 9.07
C GLU A 170 -7.60 -27.15 9.63
N GLU A 171 -7.85 -27.23 10.93
CA GLU A 171 -8.72 -26.27 11.60
C GLU A 171 -8.02 -24.95 11.79
N LYS A 172 -6.69 -24.98 11.89
CA LYS A 172 -5.87 -23.80 12.15
C LYS A 172 -4.81 -23.66 11.05
N LEU A 173 -5.23 -23.09 9.94
CA LEU A 173 -4.47 -23.11 8.70
C LEU A 173 -4.63 -21.76 8.00
N SER A 174 -3.52 -21.22 7.50
CA SER A 174 -3.56 -19.98 6.76
C SER A 174 -2.77 -20.12 5.46
N PHE A 175 -3.00 -19.21 4.52
CA PHE A 175 -2.23 -19.17 3.30
C PHE A 175 -1.78 -17.76 2.94
N MET A 176 -0.69 -17.75 2.16
CA MET A 176 -0.05 -16.55 1.68
C MET A 176 0.44 -16.87 0.27
N THR A 177 0.77 -15.84 -0.50
CA THR A 177 1.26 -16.02 -1.85
C THR A 177 2.49 -15.17 -2.08
N GLN A 178 3.26 -15.60 -3.07
CA GLN A 178 4.29 -14.82 -3.67
C GLN A 178 3.64 -13.60 -4.37
N THR A 179 4.37 -12.50 -4.44
CA THR A 179 3.83 -11.22 -4.94
C THR A 179 3.72 -11.15 -6.46
N THR A 180 4.45 -12.01 -7.15
CA THR A 180 4.59 -11.88 -8.61
C THR A 180 3.98 -12.98 -9.45
N LEU A 181 3.00 -13.68 -8.90
CA LEU A 181 2.36 -14.79 -9.60
C LEU A 181 1.39 -14.36 -10.69
N SER A 182 1.02 -15.31 -11.55
CA SER A 182 -0.19 -15.15 -12.39
C SER A 182 -1.42 -15.03 -11.53
N VAL A 183 -2.18 -13.96 -11.77
CA VAL A 183 -3.40 -13.73 -11.04
C VAL A 183 -4.35 -14.93 -11.30
N ASP A 184 -4.55 -15.30 -12.56
CA ASP A 184 -5.48 -16.37 -12.94
C ASP A 184 -5.08 -17.74 -12.38
N ASP A 185 -3.82 -18.14 -12.57
CA ASP A 185 -3.35 -19.42 -12.01
C ASP A 185 -3.48 -19.46 -10.48
N THR A 186 -3.21 -18.34 -9.83
CA THR A 186 -3.24 -18.30 -8.39
C THR A 186 -4.64 -18.50 -7.90
N SER A 187 -5.57 -17.81 -8.56
CA SER A 187 -6.99 -17.94 -8.29
C SER A 187 -7.44 -19.40 -8.33
N ASP A 188 -6.94 -20.18 -9.30
CA ASP A 188 -7.31 -21.61 -9.37
C ASP A 188 -6.75 -22.36 -8.16
N VAL A 189 -5.55 -21.98 -7.73
CA VAL A 189 -4.92 -22.64 -6.57
C VAL A 189 -5.71 -22.32 -5.28
N ILE A 190 -6.07 -21.07 -5.11
CA ILE A 190 -6.89 -20.66 -3.97
C ILE A 190 -8.25 -21.37 -3.97
N ASP A 191 -8.90 -21.54 -5.12
CA ASP A 191 -10.20 -22.22 -5.14
C ASP A 191 -10.02 -23.66 -4.67
N ALA A 192 -8.89 -24.25 -5.04
CA ALA A 192 -8.53 -25.58 -4.61
C ALA A 192 -8.28 -25.67 -3.10
N LEU A 193 -7.47 -24.77 -2.55
CA LEU A 193 -7.23 -24.75 -1.10
C LEU A 193 -8.52 -24.63 -0.30
N ARG A 194 -9.44 -23.80 -0.78
CA ARG A 194 -10.71 -23.56 -0.12
C ARG A 194 -11.66 -24.76 -0.17
N LYS A 195 -11.57 -25.55 -1.24
CA LYS A 195 -12.39 -26.75 -1.38
C LYS A 195 -11.81 -27.88 -0.54
N ARG A 196 -10.48 -27.94 -0.43
CA ARG A 196 -9.82 -28.97 0.37
C ARG A 196 -9.81 -28.63 1.87
N PHE A 197 -9.59 -27.36 2.19
CA PHE A 197 -9.41 -26.89 3.55
C PHE A 197 -10.41 -25.77 3.82
N PRO A 198 -11.69 -26.11 4.03
CA PRO A 198 -12.76 -25.09 4.18
C PRO A 198 -12.53 -24.06 5.29
N LYS A 199 -11.74 -24.37 6.31
CA LYS A 199 -11.49 -23.41 7.40
C LYS A 199 -10.29 -22.52 7.11
N ILE A 200 -9.58 -22.76 6.01
CA ILE A 200 -8.35 -22.02 5.74
C ILE A 200 -8.63 -20.52 5.70
N VAL A 201 -7.72 -19.74 6.28
CA VAL A 201 -7.85 -18.30 6.25
C VAL A 201 -6.69 -17.64 5.47
N GLY A 202 -7.05 -16.59 4.75
CA GLY A 202 -6.07 -15.81 4.02
C GLY A 202 -6.55 -14.41 3.75
N PRO A 203 -5.83 -13.72 2.86
CA PRO A 203 -6.25 -12.41 2.45
C PRO A 203 -7.53 -12.54 1.64
N ARG A 204 -8.21 -11.42 1.43
CA ARG A 204 -9.43 -11.42 0.67
C ARG A 204 -9.25 -12.11 -0.69
N LYS A 205 -8.14 -11.82 -1.37
CA LYS A 205 -7.88 -12.36 -2.69
C LYS A 205 -6.54 -13.10 -2.70
N ASP A 206 -5.43 -12.38 -2.62
CA ASP A 206 -4.10 -13.00 -2.66
C ASP A 206 -3.07 -11.98 -2.18
N ASP A 207 -1.80 -12.33 -2.16
CA ASP A 207 -0.72 -11.39 -1.85
C ASP A 207 0.03 -10.88 -3.09
N ILE A 208 -0.56 -11.07 -4.26
CA ILE A 208 0.00 -10.54 -5.52
C ILE A 208 -0.03 -9.01 -5.46
N CYS A 209 1.09 -8.35 -5.73
CA CYS A 209 1.16 -6.89 -5.54
C CYS A 209 0.40 -6.13 -6.61
N TYR A 210 0.19 -4.86 -6.39
CA TYR A 210 -0.55 -4.01 -7.33
C TYR A 210 0.15 -4.00 -8.68
N ALA A 211 1.47 -3.95 -8.64
CA ALA A 211 2.28 -3.87 -9.87
C ALA A 211 2.12 -5.10 -10.75
N THR A 212 2.12 -6.28 -10.14
CA THR A 212 1.95 -7.52 -10.88
C THR A 212 0.54 -7.58 -11.46
N THR A 213 -0.45 -7.29 -10.65
CA THR A 213 -1.84 -7.25 -11.11
C THR A 213 -2.00 -6.26 -12.27
N ASN A 214 -1.45 -5.06 -12.11
CA ASN A 214 -1.62 -4.00 -13.10
C ASN A 214 -0.90 -4.35 -14.40
N ARG A 215 0.31 -4.88 -14.32
CA ARG A 215 1.03 -5.23 -15.52
C ARG A 215 0.36 -6.39 -16.27
N GLN A 216 -0.26 -7.30 -15.55
CA GLN A 216 -1.00 -8.36 -16.20
C GLN A 216 -2.25 -7.89 -16.93
N GLU A 217 -3.02 -7.04 -16.28
CA GLU A 217 -4.18 -6.41 -16.87
C GLU A 217 -3.72 -5.64 -18.11
N ALA A 218 -2.62 -4.89 -17.97
CA ALA A 218 -2.11 -4.09 -19.09
C ALA A 218 -1.66 -4.91 -20.32
N VAL A 219 -0.97 -6.01 -20.07
CA VAL A 219 -0.51 -6.84 -21.15
C VAL A 219 -1.71 -7.60 -21.77
N ARG A 220 -2.75 -7.90 -21.01
CA ARG A 220 -3.96 -8.45 -21.63
C ARG A 220 -4.52 -7.50 -22.70
N ALA A 221 -4.74 -6.24 -22.33
CA ALA A 221 -5.29 -5.23 -23.25
C ALA A 221 -4.40 -5.10 -24.48
N LEU A 222 -3.09 -5.05 -24.25
CA LEU A 222 -2.07 -5.00 -25.32
C LEU A 222 -2.22 -6.16 -26.26
N ALA A 223 -2.26 -7.37 -25.70
CA ALA A 223 -2.30 -8.58 -26.48
C ALA A 223 -3.54 -8.67 -27.36
N GLU A 224 -4.65 -8.05 -26.98
CA GLU A 224 -5.81 -8.09 -27.88
C GLU A 224 -5.77 -7.08 -29.01
N GLN A 225 -4.75 -6.24 -29.05
CA GLN A 225 -4.50 -5.37 -30.20
C GLN A 225 -3.33 -5.81 -31.06
N ALA A 226 -2.29 -6.35 -30.42
CA ALA A 226 -1.05 -6.70 -31.10
C ALA A 226 -0.97 -8.17 -31.45
N GLU A 227 -0.37 -8.46 -32.61
CA GLU A 227 -0.09 -9.83 -33.06
C GLU A 227 1.10 -10.40 -32.30
N VAL A 228 2.04 -9.54 -31.97
CA VAL A 228 3.29 -9.96 -31.33
C VAL A 228 3.51 -9.05 -30.16
N VAL A 229 3.96 -9.62 -29.03
CA VAL A 229 4.25 -8.85 -27.85
C VAL A 229 5.68 -9.09 -27.40
N LEU A 230 6.43 -8.01 -27.27
CA LEU A 230 7.75 -8.08 -26.67
C LEU A 230 7.67 -7.62 -25.23
N VAL A 231 8.24 -8.41 -24.32
CA VAL A 231 8.31 -8.07 -22.90
C VAL A 231 9.74 -7.84 -22.50
N VAL A 232 10.06 -6.63 -22.06
CA VAL A 232 11.42 -6.33 -21.67
C VAL A 232 11.61 -6.78 -20.23
N GLY A 233 12.53 -7.69 -20.02
CA GLY A 233 12.80 -8.20 -18.70
C GLY A 233 13.79 -9.33 -18.79
N SER A 234 14.46 -9.64 -17.69
CA SER A 234 15.41 -10.74 -17.71
C SER A 234 14.76 -12.10 -17.53
N LYS A 235 15.50 -13.14 -17.88
CA LYS A 235 15.00 -14.51 -17.84
C LYS A 235 14.62 -14.96 -16.43
N ASN A 236 15.33 -14.49 -15.41
CA ASN A 236 15.03 -14.86 -14.04
C ASN A 236 14.03 -13.92 -13.35
N SER A 237 13.36 -13.05 -14.10
CA SER A 237 12.33 -12.17 -13.51
C SER A 237 10.98 -12.90 -13.59
N SER A 238 10.54 -13.43 -12.46
CA SER A 238 9.24 -14.08 -12.32
C SER A 238 8.09 -13.24 -12.93
N ASN A 239 7.98 -11.99 -12.51
CA ASN A 239 6.84 -11.17 -12.96
C ASN A 239 6.88 -10.99 -14.49
N SER A 240 8.10 -10.81 -15.01
CA SER A 240 8.27 -10.59 -16.47
C SER A 240 7.83 -11.83 -17.25
N ASN A 241 8.19 -13.01 -16.75
CA ASN A 241 7.77 -14.29 -17.34
C ASN A 241 6.25 -14.42 -17.42
N ARG A 242 5.55 -13.94 -16.41
CA ARG A 242 4.07 -14.03 -16.39
C ARG A 242 3.45 -13.20 -17.48
N LEU A 243 4.08 -12.06 -17.78
CA LEU A 243 3.62 -11.18 -18.82
C LEU A 243 3.71 -11.85 -20.18
N ALA A 244 4.83 -12.52 -20.46
CA ALA A 244 5.03 -13.16 -21.76
C ALA A 244 4.06 -14.31 -21.88
N GLU A 245 4.01 -15.07 -20.81
CA GLU A 245 3.12 -16.21 -20.67
C GLU A 245 1.67 -15.83 -20.98
N LEU A 246 1.22 -14.72 -20.43
CA LEU A 246 -0.16 -14.30 -20.51
C LEU A 246 -0.51 -14.03 -21.96
N ALA A 247 0.43 -13.37 -22.65
CA ALA A 247 0.26 -13.02 -24.05
C ALA A 247 0.24 -14.30 -24.89
N GLN A 248 1.13 -15.23 -24.58
CA GLN A 248 1.24 -16.49 -25.34
C GLN A 248 -0.01 -17.34 -25.23
N ARG A 249 -0.57 -17.36 -24.04
CA ARG A 249 -1.83 -18.06 -23.77
C ARG A 249 -3.03 -17.45 -24.49
N MET A 250 -2.94 -16.14 -24.78
CA MET A 250 -3.93 -15.50 -25.62
C MET A 250 -3.71 -15.77 -27.13
N GLY A 251 -2.66 -16.53 -27.46
CA GLY A 251 -2.43 -16.99 -28.82
C GLY A 251 -1.53 -16.06 -29.60
N LYS A 252 -0.93 -15.09 -28.93
CA LYS A 252 -0.04 -14.17 -29.58
C LYS A 252 1.37 -14.67 -29.42
N ARG A 253 2.24 -14.41 -30.38
CA ARG A 253 3.66 -14.67 -30.17
C ARG A 253 4.18 -13.61 -29.21
N ALA A 254 4.95 -14.03 -28.22
CA ALA A 254 5.46 -13.14 -27.20
C ALA A 254 6.87 -13.58 -26.87
N PHE A 255 7.76 -12.62 -26.71
CA PHE A 255 9.15 -12.89 -26.43
C PHE A 255 9.64 -12.05 -25.25
N LEU A 256 10.29 -12.70 -24.29
CA LEU A 256 11.00 -12.07 -23.16
C LEU A 256 12.39 -11.69 -23.63
N ILE A 257 12.75 -10.40 -23.54
CA ILE A 257 14.03 -9.93 -24.06
C ILE A 257 14.70 -8.97 -23.09
N ASP A 258 16.02 -9.09 -22.93
CA ASP A 258 16.77 -8.14 -22.11
C ASP A 258 16.91 -6.81 -22.82
N ASP A 259 17.14 -6.83 -24.13
CA ASP A 259 17.29 -5.57 -24.85
C ASP A 259 17.08 -5.68 -26.36
N ALA A 260 17.16 -4.52 -27.03
CA ALA A 260 16.92 -4.41 -28.46
C ALA A 260 17.70 -5.41 -29.29
N LYS A 261 18.91 -5.75 -28.86
CA LYS A 261 19.75 -6.68 -29.63
C LYS A 261 19.14 -8.07 -29.77
N ASP A 262 18.23 -8.43 -28.86
CA ASP A 262 17.61 -9.74 -28.86
C ASP A 262 16.50 -9.86 -29.90
N ILE A 263 16.06 -8.75 -30.47
CA ILE A 263 14.95 -8.78 -31.42
C ILE A 263 15.45 -9.39 -32.73
N GLN A 264 14.83 -10.49 -33.15
CA GLN A 264 15.15 -11.11 -34.43
C GLN A 264 14.09 -10.65 -35.42
N GLU A 265 14.48 -10.20 -36.61
CA GLU A 265 13.52 -9.48 -37.45
C GLU A 265 12.34 -10.35 -37.92
N GLU A 266 12.54 -11.66 -38.01
CA GLU A 266 11.47 -12.60 -38.38
C GLU A 266 10.25 -12.44 -37.49
N TRP A 267 10.51 -12.13 -36.21
CA TRP A 267 9.45 -12.02 -35.22
C TRP A 267 8.42 -10.98 -35.62
N VAL A 268 8.86 -9.95 -36.34
CA VAL A 268 7.99 -8.85 -36.69
C VAL A 268 7.86 -8.63 -38.19
N LYS A 269 8.45 -9.49 -39.01
CA LYS A 269 8.28 -9.39 -40.46
C LYS A 269 6.80 -9.47 -40.79
N GLU A 270 6.30 -8.46 -41.50
CA GLU A 270 4.92 -8.47 -41.99
C GLU A 270 3.91 -8.46 -40.86
N VAL A 271 4.31 -7.93 -39.71
CA VAL A 271 3.41 -7.76 -38.60
C VAL A 271 2.91 -6.33 -38.66
N LYS A 272 1.59 -6.17 -38.56
CA LYS A 272 0.95 -4.86 -38.64
C LYS A 272 0.96 -4.13 -37.31
N CYS A 273 0.84 -4.88 -36.23
CA CYS A 273 0.77 -4.28 -34.90
C CYS A 273 1.59 -5.09 -33.92
N VAL A 274 2.61 -4.44 -33.33
CA VAL A 274 3.48 -5.04 -32.32
C VAL A 274 3.34 -4.28 -31.01
N GLY A 275 3.33 -5.04 -29.91
CA GLY A 275 3.16 -4.48 -28.57
C GLY A 275 4.42 -4.64 -27.77
N VAL A 276 4.70 -3.65 -26.92
CA VAL A 276 5.87 -3.71 -26.05
C VAL A 276 5.43 -3.42 -24.63
N THR A 277 5.86 -4.28 -23.72
CA THR A 277 5.75 -3.99 -22.31
C THR A 277 7.07 -4.28 -21.63
N ALA A 278 7.09 -4.06 -20.32
CA ALA A 278 8.26 -4.26 -19.52
C ALA A 278 7.84 -4.76 -18.15
N GLY A 279 8.61 -5.70 -17.63
CA GLY A 279 8.41 -6.18 -16.28
C GLY A 279 8.84 -5.12 -15.27
N ALA A 280 8.56 -5.40 -13.99
CA ALA A 280 8.70 -4.39 -12.96
C ALA A 280 10.14 -4.02 -12.66
N SER A 281 11.11 -4.80 -13.13
CA SER A 281 12.53 -4.54 -12.86
C SER A 281 13.30 -3.95 -14.06
N ALA A 282 12.58 -3.63 -15.12
CA ALA A 282 13.19 -3.25 -16.39
C ALA A 282 13.15 -1.74 -16.57
N PRO A 283 14.33 -1.07 -16.60
CA PRO A 283 14.37 0.37 -16.78
C PRO A 283 13.80 0.84 -18.13
N ASP A 284 13.18 2.00 -18.12
CA ASP A 284 12.58 2.59 -19.31
C ASP A 284 13.59 2.76 -20.45
N ILE A 285 14.83 3.11 -20.13
CA ILE A 285 15.81 3.19 -21.21
C ILE A 285 15.85 1.94 -22.12
N LEU A 286 15.66 0.75 -21.54
CA LEU A 286 15.65 -0.46 -22.33
C LEU A 286 14.45 -0.49 -23.26
N VAL A 287 13.31 0.00 -22.77
CA VAL A 287 12.10 0.03 -23.59
C VAL A 287 12.36 1.00 -24.76
N GLN A 288 12.99 2.13 -24.47
CA GLN A 288 13.27 3.18 -25.47
C GLN A 288 14.12 2.66 -26.62
N ASN A 289 15.12 1.86 -26.26
CA ASN A 289 16.00 1.25 -27.25
C ASN A 289 15.28 0.19 -28.07
N VAL A 290 14.39 -0.55 -27.42
CA VAL A 290 13.60 -1.55 -28.12
C VAL A 290 12.70 -0.89 -29.17
N VAL A 291 12.06 0.20 -28.77
CA VAL A 291 11.20 0.96 -29.67
C VAL A 291 12.05 1.54 -30.82
N ALA A 292 13.28 2.00 -30.56
CA ALA A 292 14.16 2.54 -31.64
C ALA A 292 14.45 1.46 -32.67
N ARG A 293 14.75 0.26 -32.18
CA ARG A 293 14.99 -0.89 -33.03
C ARG A 293 13.78 -1.25 -33.86
N LEU A 294 12.61 -1.30 -33.24
CA LEU A 294 11.40 -1.61 -33.99
C LEU A 294 11.14 -0.60 -35.13
N GLN A 295 11.50 0.65 -34.87
CA GLN A 295 11.31 1.70 -35.82
C GLN A 295 12.26 1.52 -37.01
N GLN A 296 13.50 1.09 -36.74
CA GLN A 296 14.41 0.64 -37.80
C GLN A 296 13.79 -0.46 -38.65
N LEU A 297 13.12 -1.42 -38.02
CA LEU A 297 12.43 -2.48 -38.73
C LEU A 297 11.06 -2.08 -39.28
N GLY A 298 10.71 -0.80 -39.23
CA GLY A 298 9.59 -0.27 -40.00
C GLY A 298 8.40 0.21 -39.20
N GLY A 299 8.53 0.25 -37.88
CA GLY A 299 7.45 0.72 -37.03
C GLY A 299 7.40 2.23 -36.97
N GLY A 300 6.23 2.76 -36.62
CA GLY A 300 6.04 4.20 -36.47
C GLY A 300 6.26 4.68 -35.04
N GLU A 301 5.67 5.82 -34.73
CA GLU A 301 5.66 6.38 -33.38
C GLU A 301 5.03 5.39 -32.42
N ALA A 302 5.66 5.23 -31.25
CA ALA A 302 5.09 4.38 -30.22
C ALA A 302 3.85 5.03 -29.65
N ILE A 303 2.72 4.34 -29.68
CA ILE A 303 1.49 4.82 -29.05
C ILE A 303 1.26 4.13 -27.68
N PRO A 304 1.30 4.89 -26.58
CA PRO A 304 0.98 4.28 -25.29
C PRO A 304 -0.51 4.07 -25.14
N LEU A 305 -0.92 2.90 -24.65
CA LEU A 305 -2.35 2.69 -24.44
C LEU A 305 -2.77 3.43 -23.18
N GLU A 306 -4.08 3.63 -23.04
CA GLU A 306 -4.67 4.17 -21.82
C GLU A 306 -4.42 3.11 -20.75
N GLY A 307 -4.10 3.51 -19.54
CA GLY A 307 -3.87 2.54 -18.48
C GLY A 307 -4.40 2.96 -17.15
N ARG A 308 -4.55 1.99 -16.25
CA ARG A 308 -4.80 2.25 -14.85
C ARG A 308 -3.63 3.04 -14.26
N GLU A 309 -3.97 4.10 -13.54
CA GLU A 309 -3.03 4.95 -12.82
C GLU A 309 -2.29 4.16 -11.75
N GLU A 310 -1.00 4.42 -11.59
CA GLU A 310 -0.25 3.97 -10.42
C GLU A 310 0.27 5.22 -9.74
N ASN A 311 0.15 5.27 -8.43
CA ASN A 311 0.63 6.44 -7.69
C ASN A 311 1.48 6.11 -6.46
N ILE A 312 1.80 4.86 -6.21
CA ILE A 312 2.56 4.48 -5.01
C ILE A 312 4.04 4.70 -5.21
N VAL A 313 4.67 5.37 -4.26
CA VAL A 313 6.12 5.46 -4.14
C VAL A 313 6.56 4.95 -2.76
N PHE A 314 7.65 4.18 -2.71
CA PHE A 314 8.21 3.79 -1.44
C PHE A 314 9.57 4.51 -1.26
N GLU A 315 9.68 5.35 -0.23
CA GLU A 315 10.91 6.10 -0.01
C GLU A 315 12.03 5.28 0.56
N VAL A 316 13.28 5.69 0.32
CA VAL A 316 14.43 5.05 0.98
C VAL A 316 14.46 5.36 2.48
N PRO A 317 15.12 4.51 3.30
CA PRO A 317 15.23 4.84 4.73
C PRO A 317 15.87 6.19 4.93
N LYS A 318 15.48 6.87 6.00
CA LYS A 318 15.98 8.22 6.31
C LYS A 318 17.50 8.29 6.20
N GLU A 319 18.18 7.27 6.74
CA GLU A 319 19.61 7.31 6.87
C GLU A 319 20.32 7.09 5.53
N LEU A 320 19.56 6.78 4.46
CA LEU A 320 20.11 6.71 3.10
C LEU A 320 19.74 7.89 2.16
N ARG A 321 19.11 8.94 2.69
CA ARG A 321 18.77 10.12 1.88
C ARG A 321 19.97 10.85 1.29
N MET B 13 10.02 21.03 32.65
CA MET B 13 9.05 20.25 31.81
C MET B 13 9.70 19.72 30.53
N GLN B 14 9.70 18.40 30.38
CA GLN B 14 10.28 17.74 29.23
C GLN B 14 9.21 17.51 28.19
N ILE B 15 9.49 17.90 26.95
CA ILE B 15 8.54 17.75 25.85
C ILE B 15 8.97 16.53 25.03
N LEU B 16 8.06 15.58 24.84
CA LEU B 16 8.33 14.38 24.03
C LEU B 16 7.45 14.41 22.81
N LEU B 17 7.98 13.97 21.67
CA LEU B 17 7.23 13.95 20.41
C LEU B 17 7.00 12.53 19.95
N ALA B 18 5.76 12.19 19.66
CA ALA B 18 5.48 10.85 19.17
C ALA B 18 6.02 10.67 17.77
N ASN B 19 6.29 9.41 17.45
CA ASN B 19 6.82 9.06 16.18
C ASN B 19 6.27 7.72 15.70
N PRO B 20 5.52 7.67 14.59
CA PRO B 20 5.14 8.76 13.71
C PRO B 20 3.98 9.59 14.25
N ARG B 21 3.83 10.76 13.65
CA ARG B 21 2.75 11.69 13.94
C ARG B 21 2.53 12.48 12.67
N GLY B 22 1.39 13.14 12.60
CA GLY B 22 1.06 14.04 11.50
C GLY B 22 0.79 13.40 10.16
N PHE B 23 1.02 14.17 9.10
CA PHE B 23 0.61 13.79 7.75
C PHE B 23 0.87 12.34 7.40
N CYS B 24 -0.19 11.70 6.90
CA CYS B 24 -0.06 10.44 6.22
C CYS B 24 0.09 10.72 4.70
N ALA B 25 0.31 9.66 3.93
CA ALA B 25 0.40 9.77 2.46
C ALA B 25 -0.92 10.29 1.82
N GLY B 26 -2.06 9.82 2.32
CA GLY B 26 -3.35 10.17 1.76
C GLY B 26 -3.63 11.65 1.87
N VAL B 27 -3.37 12.17 3.04
CA VAL B 27 -3.56 13.60 3.30
C VAL B 27 -2.59 14.46 2.50
N ASP B 28 -1.31 14.11 2.50
CA ASP B 28 -0.35 14.88 1.71
C ASP B 28 -0.77 14.95 0.23
N ARG B 29 -1.17 13.80 -0.31
CA ARG B 29 -1.66 13.77 -1.66
C ARG B 29 -2.94 14.63 -1.87
N ALA B 30 -3.90 14.53 -0.96
CA ALA B 30 -5.18 15.21 -1.16
C ALA B 30 -5.01 16.75 -1.11
N ILE B 31 -4.21 17.23 -0.16
CA ILE B 31 -3.90 18.65 -0.07
C ILE B 31 -3.20 19.12 -1.33
N SER B 32 -2.22 18.36 -1.79
CA SER B 32 -1.49 18.71 -2.99
C SER B 32 -2.38 18.76 -4.21
N ILE B 33 -3.36 17.86 -4.26
CA ILE B 33 -4.35 17.89 -5.34
C ILE B 33 -5.03 19.24 -5.39
N VAL B 34 -5.53 19.71 -4.26
CA VAL B 34 -6.25 21.00 -4.25
C VAL B 34 -5.28 22.15 -4.59
N GLU B 35 -4.10 22.11 -3.99
CA GLU B 35 -3.08 23.16 -4.20
C GLU B 35 -2.64 23.30 -5.66
N ASN B 36 -2.34 22.16 -6.27
CA ASN B 36 -1.88 22.15 -7.65
C ASN B 36 -2.97 22.54 -8.61
N ALA B 37 -4.20 22.11 -8.33
CA ALA B 37 -5.34 22.53 -9.14
C ALA B 37 -5.52 24.05 -9.06
N LEU B 38 -5.39 24.62 -7.87
CA LEU B 38 -5.42 26.08 -7.72
C LEU B 38 -4.32 26.72 -8.55
N ALA B 39 -3.09 26.21 -8.40
CA ALA B 39 -1.92 26.70 -9.13
C ALA B 39 -2.10 26.61 -10.65
N ILE B 40 -2.65 25.50 -11.12
CA ILE B 40 -2.78 25.28 -12.56
C ILE B 40 -3.98 26.02 -13.16
N TYR B 41 -5.17 25.84 -12.58
CA TYR B 41 -6.39 26.43 -13.15
C TYR B 41 -6.85 27.73 -12.51
N GLY B 42 -6.16 28.21 -11.48
CA GLY B 42 -6.61 29.40 -10.78
C GLY B 42 -7.82 29.15 -9.91
N ALA B 43 -8.13 30.14 -9.06
CA ALA B 43 -9.35 30.12 -8.25
C ALA B 43 -10.54 30.51 -9.13
N PRO B 44 -11.75 30.02 -8.83
CA PRO B 44 -12.07 29.08 -7.76
C PRO B 44 -11.86 27.63 -8.18
N ILE B 45 -11.51 26.80 -7.19
CA ILE B 45 -11.57 25.33 -7.30
C ILE B 45 -12.58 24.85 -6.27
N TYR B 46 -13.57 24.08 -6.70
CA TYR B 46 -14.58 23.60 -5.77
C TYR B 46 -14.17 22.27 -5.21
N VAL B 47 -14.42 22.10 -3.91
CA VAL B 47 -14.10 20.88 -3.21
C VAL B 47 -15.36 20.40 -2.51
N ARG B 48 -15.65 19.11 -2.63
CA ARG B 48 -16.84 18.55 -2.00
C ARG B 48 -16.48 18.13 -0.59
N HIS B 49 -16.92 18.94 0.38
CA HIS B 49 -16.66 18.76 1.81
C HIS B 49 -15.20 19.04 2.12
N GLU B 50 -14.89 19.16 3.42
CA GLU B 50 -13.54 19.47 3.83
C GLU B 50 -12.61 18.44 3.20
N VAL B 51 -11.56 18.88 2.51
CA VAL B 51 -10.71 17.93 1.81
C VAL B 51 -10.10 16.92 2.80
N VAL B 52 -9.69 17.42 3.97
CA VAL B 52 -9.36 16.60 5.14
C VAL B 52 -9.95 17.27 6.38
N HIS B 53 -10.12 16.50 7.45
CA HIS B 53 -10.69 17.06 8.65
C HIS B 53 -9.67 17.84 9.49
N ASN B 54 -9.19 18.94 8.94
CA ASN B 54 -8.36 19.86 9.71
C ASN B 54 -8.66 21.33 9.39
N ARG B 55 -9.14 22.05 10.39
CA ARG B 55 -9.49 23.47 10.27
C ARG B 55 -8.43 24.32 9.59
N TYR B 56 -7.17 24.20 10.03
CA TYR B 56 -6.09 25.03 9.49
C TYR B 56 -5.83 24.76 8.00
N VAL B 57 -5.87 23.49 7.61
CA VAL B 57 -5.66 23.13 6.21
C VAL B 57 -6.82 23.70 5.38
N VAL B 58 -8.03 23.53 5.89
CA VAL B 58 -9.24 23.96 5.17
C VAL B 58 -9.28 25.50 5.08
N ASP B 59 -9.00 26.18 6.19
CA ASP B 59 -9.01 27.65 6.21
C ASP B 59 -7.96 28.20 5.25
N SER B 60 -6.76 27.60 5.26
CA SER B 60 -5.70 27.97 4.32
C SER B 60 -6.12 27.87 2.87
N LEU B 61 -6.73 26.74 2.53
CA LEU B 61 -7.15 26.50 1.14
C LEU B 61 -8.29 27.42 0.74
N ARG B 62 -9.19 27.74 1.67
CA ARG B 62 -10.29 28.65 1.37
C ARG B 62 -9.64 30.01 1.09
N GLU B 63 -8.64 30.38 1.90
CA GLU B 63 -7.92 31.64 1.70
C GLU B 63 -7.22 31.69 0.32
N ARG B 64 -6.73 30.56 -0.21
CA ARG B 64 -6.17 30.51 -1.58
C ARG B 64 -7.22 30.38 -2.71
N GLY B 65 -8.50 30.41 -2.36
CA GLY B 65 -9.57 30.41 -3.36
C GLY B 65 -10.26 29.09 -3.59
N ALA B 66 -9.97 28.08 -2.77
CA ALA B 66 -10.77 26.85 -2.84
C ALA B 66 -12.14 27.14 -2.26
N ILE B 67 -13.19 26.57 -2.84
CA ILE B 67 -14.53 26.75 -2.33
C ILE B 67 -15.09 25.40 -1.85
N PHE B 68 -15.39 25.33 -0.55
CA PHE B 68 -15.86 24.09 0.03
C PHE B 68 -17.37 24.07 -0.01
N ILE B 69 -17.93 23.07 -0.68
CA ILE B 69 -19.39 22.98 -0.91
C ILE B 69 -19.93 21.63 -0.41
N GLU B 70 -21.22 21.60 -0.13
CA GLU B 70 -21.82 20.42 0.50
C GLU B 70 -22.38 19.45 -0.54
N GLN B 71 -23.07 19.98 -1.55
CA GLN B 71 -23.60 19.18 -2.66
C GLN B 71 -23.09 19.65 -4.00
N ILE B 72 -22.96 18.70 -4.92
CA ILE B 72 -22.44 18.97 -6.25
C ILE B 72 -23.31 19.97 -7.02
N SER B 73 -24.61 19.95 -6.74
CA SER B 73 -25.55 20.87 -7.39
C SER B 73 -25.21 22.36 -7.12
N GLU B 74 -24.36 22.63 -6.13
CA GLU B 74 -23.89 23.99 -5.85
C GLU B 74 -22.72 24.42 -6.77
N VAL B 75 -22.17 23.49 -7.55
CA VAL B 75 -21.02 23.77 -8.41
C VAL B 75 -21.48 24.10 -9.82
N PRO B 76 -20.98 25.19 -10.40
CA PRO B 76 -21.44 25.64 -11.72
C PRO B 76 -20.86 24.80 -12.87
N ASP B 77 -21.53 24.78 -14.03
CA ASP B 77 -20.96 24.08 -15.19
C ASP B 77 -19.63 24.73 -15.52
N GLY B 78 -18.70 23.91 -15.99
CA GLY B 78 -17.39 24.39 -16.42
C GLY B 78 -16.34 24.38 -15.33
N ALA B 79 -16.73 24.01 -14.12
CA ALA B 79 -15.85 24.11 -12.97
C ALA B 79 -14.98 22.88 -12.81
N ILE B 80 -13.95 23.06 -11.99
CA ILE B 80 -13.15 21.96 -11.45
C ILE B 80 -13.71 21.60 -10.06
N LEU B 81 -13.97 20.32 -9.85
CA LEU B 81 -14.50 19.83 -8.58
C LEU B 81 -13.58 18.75 -8.08
N ILE B 82 -13.24 18.80 -6.80
CA ILE B 82 -12.40 17.81 -6.13
C ILE B 82 -13.22 17.03 -5.11
N PHE B 83 -13.10 15.71 -5.15
CA PHE B 83 -13.68 14.86 -4.09
C PHE B 83 -12.69 14.80 -2.94
N SER B 84 -13.18 14.86 -1.71
CA SER B 84 -12.28 14.85 -0.54
C SER B 84 -11.66 13.47 -0.28
N ALA B 85 -10.72 13.43 0.65
CA ALA B 85 -9.92 12.25 0.91
C ALA B 85 -10.82 11.11 1.42
N HIS B 86 -11.92 11.46 2.09
CA HIS B 86 -12.83 10.48 2.71
C HIS B 86 -13.61 9.68 1.67
N GLY B 87 -13.66 10.18 0.44
CA GLY B 87 -14.33 9.47 -0.65
C GLY B 87 -15.80 9.79 -0.75
N VAL B 88 -16.42 9.25 -1.79
CA VAL B 88 -17.81 9.56 -2.12
C VAL B 88 -18.57 8.32 -2.57
N SER B 89 -19.88 8.39 -2.48
CA SER B 89 -20.73 7.30 -2.89
C SER B 89 -20.76 7.18 -4.41
N GLN B 90 -21.21 6.04 -4.92
CA GLN B 90 -21.42 5.86 -6.35
C GLN B 90 -22.39 6.90 -6.92
N ALA B 91 -23.47 7.18 -6.18
CA ALA B 91 -24.46 8.16 -6.63
C ALA B 91 -23.82 9.53 -6.82
N VAL B 92 -22.96 9.93 -5.87
CA VAL B 92 -22.26 11.21 -5.96
C VAL B 92 -21.30 11.21 -7.14
N ARG B 93 -20.50 10.15 -7.26
CA ARG B 93 -19.61 10.04 -8.42
C ARG B 93 -20.35 10.12 -9.76
N ASN B 94 -21.44 9.37 -9.89
CA ASN B 94 -22.18 9.31 -11.15
C ASN B 94 -22.80 10.66 -11.51
N GLU B 95 -23.36 11.35 -10.54
CA GLU B 95 -23.88 12.69 -10.73
C GLU B 95 -22.79 13.63 -11.28
N ALA B 96 -21.58 13.56 -10.71
CA ALA B 96 -20.49 14.42 -11.16
C ALA B 96 -20.14 14.10 -12.62
N LYS B 97 -20.00 12.81 -12.92
CA LYS B 97 -19.73 12.37 -14.30
C LYS B 97 -20.75 12.88 -15.32
N SER B 98 -22.00 12.97 -14.90
CA SER B 98 -23.06 13.40 -15.79
C SER B 98 -23.12 14.90 -15.92
N ARG B 99 -22.42 15.62 -15.03
CA ARG B 99 -22.34 17.08 -15.10
C ARG B 99 -21.20 17.57 -16.01
N ASP B 100 -21.33 18.80 -16.50
CA ASP B 100 -20.29 19.43 -17.31
C ASP B 100 -19.25 20.00 -16.34
N LEU B 101 -18.38 19.11 -15.86
CA LEU B 101 -17.39 19.41 -14.84
C LEU B 101 -16.13 18.58 -15.05
N THR B 102 -14.97 19.15 -14.74
CA THR B 102 -13.73 18.38 -14.63
C THR B 102 -13.54 17.99 -13.17
N VAL B 103 -13.49 16.69 -12.93
CA VAL B 103 -13.43 16.15 -11.59
C VAL B 103 -12.04 15.58 -11.37
N PHE B 104 -11.43 15.91 -10.23
CA PHE B 104 -10.26 15.17 -9.73
C PHE B 104 -10.62 14.57 -8.38
N ASP B 105 -10.25 13.32 -8.20
CA ASP B 105 -10.63 12.52 -7.03
C ASP B 105 -9.52 12.43 -5.99
N ALA B 106 -9.65 13.13 -4.87
CA ALA B 106 -8.60 13.11 -3.85
C ALA B 106 -8.86 12.00 -2.81
N THR B 107 -9.82 11.11 -3.08
CA THR B 107 -10.07 9.99 -2.19
C THR B 107 -8.74 9.27 -1.87
N CYS B 108 -8.48 8.93 -0.61
CA CYS B 108 -7.25 8.17 -0.33
C CYS B 108 -7.27 6.79 -1.06
N PRO B 109 -6.16 6.40 -1.71
CA PRO B 109 -6.10 5.03 -2.25
C PRO B 109 -6.52 3.92 -1.29
N LEU B 110 -6.28 4.12 0.00
CA LEU B 110 -6.60 3.14 1.01
C LEU B 110 -8.10 3.11 1.37
N VAL B 111 -8.83 4.20 1.09
CA VAL B 111 -10.28 4.18 1.11
C VAL B 111 -10.80 3.53 -0.14
N THR B 112 -10.27 3.93 -1.27
CA THR B 112 -10.65 3.31 -2.53
C THR B 112 -10.55 1.79 -2.47
N LYS B 113 -9.50 1.29 -1.83
CA LYS B 113 -9.28 -0.14 -1.69
C LYS B 113 -10.50 -0.78 -1.00
N VAL B 114 -11.06 -0.11 0.02
CA VAL B 114 -12.23 -0.66 0.70
C VAL B 114 -13.47 -0.59 -0.20
N HIS B 115 -13.61 0.52 -0.91
CA HIS B 115 -14.72 0.70 -1.88
C HIS B 115 -14.81 -0.47 -2.85
N MET B 116 -13.69 -0.86 -3.41
CA MET B 116 -13.70 -1.88 -4.44
C MET B 116 -14.11 -3.25 -3.92
N GLU B 117 -13.85 -3.53 -2.64
CA GLU B 117 -14.36 -4.73 -2.00
C GLU B 117 -15.85 -4.69 -1.74
N VAL B 118 -16.38 -3.55 -1.34
CA VAL B 118 -17.82 -3.42 -1.18
C VAL B 118 -18.48 -3.62 -2.55
N ALA B 119 -18.00 -2.91 -3.57
CA ALA B 119 -18.57 -3.04 -4.91
C ALA B 119 -18.53 -4.48 -5.44
N ARG B 120 -17.49 -5.23 -5.08
CA ARG B 120 -17.41 -6.64 -5.45
C ARG B 120 -18.52 -7.45 -4.77
N ALA B 121 -18.73 -7.22 -3.47
CA ALA B 121 -19.84 -7.86 -2.75
C ALA B 121 -21.19 -7.50 -3.35
N SER B 122 -21.37 -6.24 -3.72
CA SER B 122 -22.64 -5.76 -4.25
C SER B 122 -22.94 -6.45 -5.57
N ARG B 123 -21.91 -6.59 -6.41
CA ARG B 123 -22.01 -7.22 -7.73
C ARG B 123 -22.43 -8.68 -7.66
N ARG B 124 -21.98 -9.38 -6.62
CA ARG B 124 -22.34 -10.78 -6.38
C ARG B 124 -23.66 -10.92 -5.60
N GLY B 125 -24.35 -9.82 -5.29
CA GLY B 125 -25.53 -9.87 -4.44
C GLY B 125 -25.30 -10.64 -3.16
N GLU B 126 -24.37 -10.15 -2.35
CA GLU B 126 -23.92 -10.84 -1.16
C GLU B 126 -23.71 -9.83 -0.07
N GLU B 127 -24.21 -10.13 1.13
CA GLU B 127 -24.33 -9.12 2.17
C GLU B 127 -22.97 -8.69 2.71
N SER B 128 -22.93 -7.42 3.10
CA SER B 128 -21.68 -6.82 3.57
C SER B 128 -21.94 -6.09 4.85
N ILE B 129 -20.98 -6.16 5.77
CA ILE B 129 -21.06 -5.52 7.07
C ILE B 129 -19.86 -4.54 7.18
N LEU B 130 -20.16 -3.26 7.37
CA LEU B 130 -19.14 -2.25 7.66
C LEU B 130 -18.99 -1.94 9.14
N ILE B 131 -17.75 -2.01 9.64
CA ILE B 131 -17.47 -1.55 10.97
C ILE B 131 -17.05 -0.08 10.90
N GLY B 132 -17.83 0.80 11.51
CA GLY B 132 -17.54 2.24 11.39
C GLY B 132 -18.49 3.15 12.17
N HIS B 133 -18.24 4.46 12.11
CA HIS B 133 -19.00 5.40 12.92
C HIS B 133 -20.08 6.00 12.06
N ALA B 134 -21.33 5.83 12.47
CA ALA B 134 -22.46 6.47 11.78
C ALA B 134 -22.26 7.98 11.56
N GLY B 135 -22.58 8.47 10.37
CA GLY B 135 -22.48 9.90 10.06
C GLY B 135 -21.15 10.38 9.52
N HIS B 136 -20.09 9.62 9.73
CA HIS B 136 -18.80 9.99 9.20
C HIS B 136 -18.80 9.88 7.65
N PRO B 137 -18.19 10.85 6.96
CA PRO B 137 -18.26 10.84 5.49
C PRO B 137 -17.58 9.63 4.80
N GLU B 138 -16.52 9.08 5.38
CA GLU B 138 -15.98 7.80 4.87
C GLU B 138 -17.02 6.68 4.92
N VAL B 139 -17.77 6.58 6.00
CA VAL B 139 -18.86 5.60 6.12
C VAL B 139 -19.97 5.79 5.06
N GLU B 140 -20.39 7.04 4.89
CA GLU B 140 -21.35 7.43 3.84
C GLU B 140 -20.84 6.96 2.48
N GLY B 141 -19.55 7.20 2.21
CA GLY B 141 -19.00 6.86 0.90
C GLY B 141 -18.90 5.35 0.68
N THR B 142 -18.47 4.65 1.72
CA THR B 142 -18.19 3.23 1.64
C THR B 142 -19.52 2.46 1.58
N MET B 143 -20.49 2.86 2.38
CA MET B 143 -21.83 2.29 2.30
C MET B 143 -22.43 2.53 0.91
N GLY B 144 -22.14 3.71 0.36
CA GLY B 144 -22.62 4.11 -0.96
C GLY B 144 -21.99 3.41 -2.16
N GLN B 145 -21.12 2.46 -1.92
CA GLN B 145 -20.64 1.56 -2.96
C GLN B 145 -21.52 0.32 -3.14
N TYR B 146 -22.44 0.07 -2.20
CA TYR B 146 -23.32 -1.11 -2.29
C TYR B 146 -24.67 -0.71 -2.88
N SER B 147 -25.09 -1.37 -3.94
CA SER B 147 -26.30 -0.93 -4.65
C SER B 147 -27.32 -2.03 -4.94
N ASN B 148 -27.07 -3.24 -4.45
CA ASN B 148 -27.86 -4.41 -4.84
C ASN B 148 -28.95 -4.71 -3.80
N PRO B 149 -30.24 -4.47 -4.14
CA PRO B 149 -31.33 -4.74 -3.18
C PRO B 149 -31.46 -6.21 -2.75
N GLU B 150 -30.99 -7.11 -3.59
CA GLU B 150 -31.04 -8.52 -3.29
C GLU B 150 -30.13 -8.91 -2.14
N GLY B 151 -29.06 -8.14 -1.93
CA GLY B 151 -28.20 -8.33 -0.79
C GLY B 151 -28.52 -7.34 0.32
N GLY B 152 -27.49 -6.70 0.88
CA GLY B 152 -27.68 -5.69 1.91
C GLY B 152 -26.36 -5.19 2.48
N MET B 153 -26.40 -4.04 3.13
CA MET B 153 -25.21 -3.34 3.60
C MET B 153 -25.50 -2.82 4.99
N TYR B 154 -24.83 -3.40 5.99
CA TYR B 154 -25.14 -3.10 7.37
C TYR B 154 -23.96 -2.39 8.03
N LEU B 155 -24.26 -1.42 8.90
CA LEU B 155 -23.26 -0.75 9.70
C LEU B 155 -23.30 -1.25 11.14
N VAL B 156 -22.13 -1.56 11.70
CA VAL B 156 -22.02 -1.92 13.13
C VAL B 156 -20.89 -1.10 13.79
N GLU B 157 -21.11 -0.67 15.04
CA GLU B 157 -20.12 0.12 15.77
C GLU B 157 -19.53 -0.59 16.95
N SER B 158 -20.23 -1.58 17.46
CA SER B 158 -19.82 -2.24 18.70
C SER B 158 -20.16 -3.73 18.66
N PRO B 159 -19.56 -4.53 19.58
CA PRO B 159 -20.01 -5.91 19.78
C PRO B 159 -21.54 -6.00 19.92
N ASP B 160 -22.12 -5.07 20.66
CA ASP B 160 -23.57 -5.02 20.89
C ASP B 160 -24.39 -4.91 19.63
N ASP B 161 -23.92 -4.10 18.67
CA ASP B 161 -24.58 -3.97 17.36
C ASP B 161 -24.46 -5.27 16.59
N VAL B 162 -23.34 -5.97 16.72
CA VAL B 162 -23.21 -7.29 16.11
C VAL B 162 -24.23 -8.30 16.69
N TRP B 163 -24.41 -8.32 18.02
CA TRP B 163 -25.36 -9.23 18.68
C TRP B 163 -26.82 -8.96 18.22
N LYS B 164 -27.09 -7.71 17.83
CA LYS B 164 -28.41 -7.25 17.37
C LYS B 164 -28.68 -7.61 15.92
N LEU B 165 -27.62 -7.81 15.15
CA LEU B 165 -27.72 -7.82 13.71
C LEU B 165 -28.48 -9.02 13.18
N THR B 166 -29.47 -8.72 12.32
CA THR B 166 -30.21 -9.70 11.53
C THR B 166 -29.79 -9.57 10.07
N VAL B 167 -29.38 -10.67 9.46
CA VAL B 167 -29.03 -10.70 8.06
C VAL B 167 -29.81 -11.78 7.32
N LYS B 168 -29.97 -11.60 6.02
CA LYS B 168 -30.72 -12.52 5.16
C LYS B 168 -30.00 -13.84 4.89
N ASN B 169 -28.68 -13.83 4.81
CA ASN B 169 -27.98 -15.09 4.54
C ASN B 169 -26.59 -15.07 5.08
N GLU B 170 -26.45 -15.72 6.24
CA GLU B 170 -25.21 -15.73 7.00
C GLU B 170 -24.11 -16.55 6.32
N GLU B 171 -24.48 -17.34 5.30
CA GLU B 171 -23.52 -18.15 4.57
C GLU B 171 -22.70 -17.36 3.55
N LYS B 172 -23.22 -16.21 3.11
CA LYS B 172 -22.57 -15.37 2.10
C LYS B 172 -22.40 -13.96 2.67
N LEU B 173 -21.40 -13.80 3.51
CA LEU B 173 -21.27 -12.56 4.29
C LEU B 173 -19.81 -12.09 4.31
N SER B 174 -19.62 -10.80 4.11
CA SER B 174 -18.28 -10.24 4.23
C SER B 174 -18.31 -9.00 5.11
N PHE B 175 -17.16 -8.68 5.70
CA PHE B 175 -17.02 -7.43 6.42
C PHE B 175 -15.83 -6.57 5.96
N MET B 176 -15.94 -5.28 6.32
CA MET B 176 -15.01 -4.23 5.97
C MET B 176 -14.96 -3.28 7.13
N THR B 177 -13.99 -2.38 7.15
CA THR B 177 -13.92 -1.39 8.24
C THR B 177 -13.50 -0.06 7.70
N GLN B 178 -13.92 0.96 8.43
CA GLN B 178 -13.39 2.28 8.33
C GLN B 178 -11.87 2.26 8.62
N THR B 179 -11.14 3.18 7.97
CA THR B 179 -9.65 3.22 7.99
C THR B 179 -9.03 3.83 9.25
N THR B 180 -9.81 4.59 10.02
CA THR B 180 -9.29 5.39 11.14
C THR B 180 -9.82 4.96 12.53
N LEU B 181 -10.28 3.73 12.64
CA LEU B 181 -10.84 3.23 13.89
C LEU B 181 -9.75 2.92 14.92
N SER B 182 -10.16 2.79 16.19
CA SER B 182 -9.34 2.15 17.22
C SER B 182 -9.05 0.71 16.82
N VAL B 183 -7.77 0.37 16.81
CA VAL B 183 -7.31 -0.95 16.45
C VAL B 183 -7.91 -1.95 17.45
N ASP B 184 -7.81 -1.62 18.72
CA ASP B 184 -8.31 -2.49 19.79
C ASP B 184 -9.82 -2.65 19.83
N ASP B 185 -10.58 -1.56 19.77
CA ASP B 185 -12.04 -1.71 19.74
C ASP B 185 -12.51 -2.46 18.52
N THR B 186 -11.78 -2.27 17.41
CA THR B 186 -12.17 -2.88 16.16
C THR B 186 -11.96 -4.38 16.25
N SER B 187 -10.89 -4.76 16.97
CA SER B 187 -10.58 -6.16 17.22
C SER B 187 -11.75 -6.84 17.95
N ASP B 188 -12.34 -6.16 18.95
CA ASP B 188 -13.48 -6.70 19.71
C ASP B 188 -14.74 -6.90 18.86
N VAL B 189 -14.96 -5.99 17.93
CA VAL B 189 -16.07 -6.09 16.97
C VAL B 189 -15.89 -7.29 16.02
N ILE B 190 -14.67 -7.46 15.52
CA ILE B 190 -14.36 -8.58 14.64
C ILE B 190 -14.49 -9.92 15.39
N ASP B 191 -13.98 -10.01 16.63
CA ASP B 191 -14.10 -11.25 17.39
C ASP B 191 -15.57 -11.64 17.45
N ALA B 192 -16.41 -10.66 17.78
CA ALA B 192 -17.85 -10.85 17.90
C ALA B 192 -18.51 -11.26 16.60
N LEU B 193 -18.09 -10.62 15.51
CA LEU B 193 -18.58 -10.97 14.16
C LEU B 193 -18.31 -12.42 13.83
N ARG B 194 -17.08 -12.86 14.11
CA ARG B 194 -16.68 -14.24 13.84
C ARG B 194 -17.33 -15.25 14.79
N LYS B 195 -17.76 -14.85 15.98
CA LYS B 195 -18.49 -15.77 16.87
C LYS B 195 -19.93 -15.87 16.39
N ARG B 196 -20.46 -14.75 15.92
CA ARG B 196 -21.84 -14.69 15.54
C ARG B 196 -22.05 -15.28 14.14
N PHE B 197 -21.09 -15.04 13.25
CA PHE B 197 -21.21 -15.38 11.84
C PHE B 197 -19.97 -16.12 11.38
N PRO B 198 -19.81 -17.38 11.81
CA PRO B 198 -18.56 -18.13 11.59
C PRO B 198 -18.06 -18.24 10.15
N LYS B 199 -18.94 -18.04 9.16
CA LYS B 199 -18.55 -18.17 7.74
C LYS B 199 -18.16 -16.82 7.12
N ILE B 200 -18.27 -15.76 7.91
CA ILE B 200 -18.00 -14.39 7.43
C ILE B 200 -16.58 -14.27 6.91
N VAL B 201 -16.44 -13.54 5.82
CA VAL B 201 -15.17 -13.36 5.13
C VAL B 201 -14.71 -11.92 5.28
N GLY B 202 -13.42 -11.73 5.40
CA GLY B 202 -12.88 -10.38 5.57
C GLY B 202 -11.40 -10.37 5.34
N PRO B 203 -10.77 -9.20 5.56
CA PRO B 203 -9.33 -9.14 5.46
C PRO B 203 -8.68 -9.96 6.60
N ARG B 204 -7.38 -10.21 6.48
CA ARG B 204 -6.70 -10.93 7.53
C ARG B 204 -6.98 -10.30 8.90
N LYS B 205 -6.91 -8.98 9.00
CA LYS B 205 -7.13 -8.31 10.29
C LYS B 205 -8.25 -7.25 10.22
N ASP B 206 -7.99 -6.13 9.52
CA ASP B 206 -9.03 -5.13 9.32
C ASP B 206 -8.63 -4.26 8.11
N ASP B 207 -9.37 -3.19 7.85
CA ASP B 207 -9.05 -2.22 6.78
C ASP B 207 -8.51 -0.92 7.39
N ILE B 208 -8.16 -0.97 8.65
CA ILE B 208 -7.49 0.18 9.33
C ILE B 208 -6.14 0.42 8.65
N CYS B 209 -5.88 1.66 8.23
CA CYS B 209 -4.71 1.94 7.41
C CYS B 209 -3.44 1.96 8.26
N TYR B 210 -2.30 1.86 7.57
CA TYR B 210 -1.00 1.87 8.23
C TYR B 210 -0.84 3.10 9.12
N ALA B 211 -1.36 4.24 8.67
CA ALA B 211 -1.13 5.48 9.38
C ALA B 211 -1.83 5.52 10.75
N THR B 212 -3.07 5.07 10.76
CA THR B 212 -3.89 4.94 11.95
C THR B 212 -3.19 3.93 12.89
N THR B 213 -2.83 2.76 12.38
CA THR B 213 -2.15 1.77 13.21
C THR B 213 -0.87 2.34 13.82
N ASN B 214 -0.06 2.94 12.97
CA ASN B 214 1.23 3.47 13.46
C ASN B 214 1.03 4.60 14.46
N ARG B 215 0.04 5.48 14.27
CA ARG B 215 -0.07 6.64 15.17
C ARG B 215 -0.59 6.17 16.53
N GLN B 216 -1.44 5.15 16.51
CA GLN B 216 -1.92 4.56 17.75
C GLN B 216 -0.79 3.88 18.54
N GLU B 217 -0.05 3.02 17.87
CA GLU B 217 1.13 2.43 18.49
C GLU B 217 2.05 3.54 19.06
N ALA B 218 2.31 4.57 18.25
CA ALA B 218 3.18 5.68 18.67
C ALA B 218 2.65 6.41 19.91
N VAL B 219 1.37 6.74 19.92
CA VAL B 219 0.81 7.39 21.08
C VAL B 219 0.80 6.45 22.31
N ARG B 220 0.68 5.14 22.09
CA ARG B 220 0.83 4.23 23.23
C ARG B 220 2.20 4.40 23.88
N ALA B 221 3.25 4.40 23.05
CA ALA B 221 4.61 4.56 23.57
C ALA B 221 4.77 5.91 24.28
N LEU B 222 4.24 6.96 23.65
CA LEU B 222 4.30 8.32 24.20
C LEU B 222 3.64 8.35 25.58
N ALA B 223 2.47 7.76 25.66
CA ALA B 223 1.65 7.90 26.84
C ALA B 223 2.28 7.16 28.01
N GLU B 224 3.02 6.09 27.74
CA GLU B 224 3.77 5.39 28.80
C GLU B 224 4.80 6.29 29.47
N GLN B 225 5.26 7.32 28.77
CA GLN B 225 6.29 8.21 29.33
C GLN B 225 5.76 9.57 29.78
N ALA B 226 4.70 10.06 29.13
CA ALA B 226 4.22 11.42 29.40
C ALA B 226 3.07 11.41 30.39
N GLU B 227 2.98 12.44 31.23
CA GLU B 227 1.84 12.60 32.13
C GLU B 227 0.67 13.20 31.38
N VAL B 228 0.98 14.09 30.44
CA VAL B 228 -0.05 14.78 29.69
C VAL B 228 0.22 14.55 28.21
N VAL B 229 -0.82 14.35 27.42
CA VAL B 229 -0.64 14.16 25.97
C VAL B 229 -1.52 15.17 25.24
N LEU B 230 -0.92 15.92 24.33
CA LEU B 230 -1.67 16.84 23.50
C LEU B 230 -1.71 16.27 22.10
N VAL B 231 -2.91 16.16 21.55
CA VAL B 231 -3.06 15.68 20.20
C VAL B 231 -3.49 16.83 19.31
N VAL B 232 -2.71 17.11 18.28
CA VAL B 232 -3.05 18.18 17.35
C VAL B 232 -3.99 17.60 16.30
N GLY B 233 -5.19 18.16 16.21
CA GLY B 233 -6.24 17.66 15.34
C GLY B 233 -7.52 18.38 15.65
N SER B 234 -8.40 18.46 14.65
CA SER B 234 -9.72 19.07 14.81
C SER B 234 -10.72 18.08 15.40
N LYS B 235 -11.80 18.63 15.97
CA LYS B 235 -12.82 17.83 16.65
C LYS B 235 -13.56 16.86 15.72
N ASN B 236 -13.59 17.12 14.42
CA ASN B 236 -14.24 16.21 13.48
C ASN B 236 -13.27 15.19 12.84
N SER B 237 -12.05 15.10 13.34
CA SER B 237 -11.07 14.13 12.83
C SER B 237 -11.20 12.85 13.64
N SER B 238 -11.73 11.82 13.00
CA SER B 238 -11.88 10.51 13.59
C SER B 238 -10.53 10.03 14.17
N ASN B 239 -9.52 10.01 13.32
CA ASN B 239 -8.25 9.38 13.71
C ASN B 239 -7.65 10.13 14.86
N SER B 240 -7.81 11.46 14.87
CA SER B 240 -7.21 12.31 15.89
C SER B 240 -7.87 12.02 17.22
N ASN B 241 -9.19 11.88 17.22
CA ASN B 241 -9.92 11.54 18.45
C ASN B 241 -9.49 10.19 18.99
N ARG B 242 -9.19 9.24 18.11
CA ARG B 242 -8.73 7.92 18.56
C ARG B 242 -7.42 8.01 19.34
N LEU B 243 -6.54 8.92 18.93
CA LEU B 243 -5.26 9.14 19.61
C LEU B 243 -5.45 9.71 21.01
N ALA B 244 -6.31 10.73 21.14
CA ALA B 244 -6.58 11.31 22.45
C ALA B 244 -7.21 10.29 23.36
N GLU B 245 -8.23 9.61 22.86
CA GLU B 245 -8.94 8.57 23.59
C GLU B 245 -8.00 7.46 24.05
N LEU B 246 -7.04 7.06 23.21
CA LEU B 246 -6.10 6.01 23.59
C LEU B 246 -5.26 6.46 24.80
N ALA B 247 -4.70 7.65 24.70
CA ALA B 247 -3.93 8.23 25.81
C ALA B 247 -4.74 8.28 27.11
N GLN B 248 -5.99 8.75 27.04
CA GLN B 248 -6.84 8.83 28.24
C GLN B 248 -7.15 7.48 28.84
N ARG B 249 -7.40 6.49 27.97
CA ARG B 249 -7.63 5.13 28.42
C ARG B 249 -6.40 4.57 29.17
N MET B 250 -5.21 5.07 28.83
CA MET B 250 -3.99 4.71 29.55
C MET B 250 -3.81 5.44 30.89
N GLY B 251 -4.78 6.25 31.28
CA GLY B 251 -4.72 6.97 32.55
C GLY B 251 -3.89 8.25 32.48
N LYS B 252 -3.62 8.75 31.29
CA LYS B 252 -2.97 10.05 31.17
C LYS B 252 -4.01 11.07 30.79
N ARG B 253 -3.78 12.32 31.13
CA ARG B 253 -4.67 13.39 30.71
C ARG B 253 -4.35 13.74 29.27
N ALA B 254 -5.36 13.72 28.41
CA ALA B 254 -5.15 13.98 26.99
C ALA B 254 -6.10 15.06 26.53
N PHE B 255 -5.60 15.87 25.61
CA PHE B 255 -6.30 17.04 25.16
C PHE B 255 -6.20 17.10 23.64
N LEU B 256 -7.34 17.23 22.98
CA LEU B 256 -7.36 17.38 21.54
C LEU B 256 -7.36 18.87 21.27
N ILE B 257 -6.39 19.34 20.50
CA ILE B 257 -6.22 20.79 20.24
C ILE B 257 -6.00 21.10 18.76
N ASP B 258 -6.63 22.17 18.28
CA ASP B 258 -6.47 22.58 16.88
C ASP B 258 -5.13 23.23 16.70
N ASP B 259 -4.75 24.10 17.63
CA ASP B 259 -3.44 24.76 17.58
C ASP B 259 -2.96 25.20 18.95
N ALA B 260 -1.74 25.75 18.97
CA ALA B 260 -1.09 26.30 20.17
C ALA B 260 -2.00 27.13 21.08
N LYS B 261 -2.87 27.93 20.48
CA LYS B 261 -3.73 28.85 21.25
C LYS B 261 -4.73 28.17 22.16
N ASP B 262 -5.12 26.94 21.82
CA ASP B 262 -6.08 26.19 22.64
C ASP B 262 -5.46 25.67 23.92
N ILE B 263 -4.13 25.73 24.05
CA ILE B 263 -3.46 25.20 25.23
C ILE B 263 -3.72 26.10 26.45
N GLN B 264 -4.26 25.52 27.50
CA GLN B 264 -4.52 26.25 28.73
C GLN B 264 -3.41 25.93 29.70
N GLU B 265 -2.83 26.96 30.29
CA GLU B 265 -1.70 26.82 31.20
C GLU B 265 -1.99 25.83 32.34
N GLU B 266 -3.22 25.84 32.83
CA GLU B 266 -3.69 24.89 33.87
C GLU B 266 -3.36 23.42 33.55
N TRP B 267 -3.43 23.08 32.26
CA TRP B 267 -3.24 21.69 31.79
C TRP B 267 -1.84 21.15 32.02
N VAL B 268 -0.84 22.03 32.01
CA VAL B 268 0.58 21.62 32.13
C VAL B 268 1.30 22.14 33.37
N LYS B 269 0.55 22.70 34.31
CA LYS B 269 1.11 23.14 35.59
C LYS B 269 1.60 21.95 36.43
N GLU B 270 2.87 21.98 36.82
CA GLU B 270 3.47 20.95 37.70
C GLU B 270 3.71 19.62 36.97
N VAL B 271 3.82 19.66 35.65
CA VAL B 271 3.98 18.44 34.85
C VAL B 271 5.45 18.28 34.46
N LYS B 272 6.03 17.13 34.80
CA LYS B 272 7.44 16.87 34.48
C LYS B 272 7.62 16.44 33.04
N CYS B 273 6.59 15.83 32.47
CA CYS B 273 6.73 15.29 31.13
C CYS B 273 5.44 15.45 30.36
N VAL B 274 5.54 16.09 29.20
CA VAL B 274 4.39 16.32 28.34
C VAL B 274 4.69 15.74 26.96
N GLY B 275 3.71 15.09 26.34
CA GLY B 275 3.88 14.44 25.06
C GLY B 275 3.03 15.14 24.03
N VAL B 276 3.51 15.22 22.80
CA VAL B 276 2.73 15.81 21.72
C VAL B 276 2.65 14.83 20.53
N THR B 277 1.46 14.70 19.98
CA THR B 277 1.36 14.03 18.72
C THR B 277 0.37 14.80 17.88
N ALA B 278 0.14 14.29 16.68
CA ALA B 278 -0.72 14.91 15.70
C ALA B 278 -1.42 13.82 14.95
N GLY B 279 -2.69 14.02 14.65
CA GLY B 279 -3.41 13.15 13.77
C GLY B 279 -2.89 13.31 12.35
N ALA B 280 -3.42 12.46 11.48
CA ALA B 280 -2.98 12.32 10.12
C ALA B 280 -3.26 13.52 9.22
N SER B 281 -4.18 14.41 9.64
CA SER B 281 -4.53 15.64 8.88
C SER B 281 -3.95 16.98 9.39
N ALA B 282 -3.11 16.91 10.43
CA ALA B 282 -2.49 18.07 11.06
C ALA B 282 -1.10 18.39 10.50
N PRO B 283 -0.92 19.59 9.93
CA PRO B 283 0.38 20.00 9.42
C PRO B 283 1.44 20.17 10.52
N ASP B 284 2.68 19.86 10.17
CA ASP B 284 3.76 19.89 11.11
C ASP B 284 3.97 21.28 11.71
N ILE B 285 3.68 22.34 10.94
CA ILE B 285 3.86 23.68 11.49
C ILE B 285 3.05 23.87 12.78
N LEU B 286 1.88 23.24 12.86
CA LEU B 286 1.05 23.30 14.08
C LEU B 286 1.72 22.61 15.25
N VAL B 287 2.38 21.48 15.00
CA VAL B 287 3.12 20.82 16.05
C VAL B 287 4.28 21.71 16.47
N GLN B 288 4.91 22.37 15.52
CA GLN B 288 6.02 23.28 15.83
C GLN B 288 5.59 24.44 16.75
N ASN B 289 4.46 25.07 16.46
CA ASN B 289 3.95 26.15 17.28
C ASN B 289 3.55 25.68 18.66
N VAL B 290 3.00 24.47 18.75
CA VAL B 290 2.62 23.89 20.03
C VAL B 290 3.88 23.71 20.88
N VAL B 291 4.93 23.19 20.27
CA VAL B 291 6.18 22.98 21.01
C VAL B 291 6.74 24.32 21.50
N ALA B 292 6.54 25.38 20.70
CA ALA B 292 7.04 26.70 21.11
C ALA B 292 6.19 27.27 22.23
N ARG B 293 4.88 27.11 22.11
CA ARG B 293 4.02 27.55 23.19
C ARG B 293 4.35 26.78 24.48
N LEU B 294 4.52 25.46 24.41
CA LEU B 294 4.92 24.69 25.59
C LEU B 294 6.27 25.14 26.13
N GLN B 295 7.16 25.58 25.24
CA GLN B 295 8.49 26.00 25.67
C GLN B 295 8.44 27.30 26.48
N GLN B 296 7.54 28.22 26.11
CA GLN B 296 7.34 29.43 26.91
C GLN B 296 6.48 29.22 28.15
N LEU B 297 5.89 28.04 28.29
CA LEU B 297 5.28 27.66 29.55
C LEU B 297 6.26 26.78 30.33
N GLY B 298 7.52 26.75 29.92
CA GLY B 298 8.57 26.15 30.74
C GLY B 298 9.18 24.90 30.17
N GLY B 299 8.63 24.38 29.07
CA GLY B 299 9.19 23.20 28.44
C GLY B 299 10.59 23.41 27.89
N GLY B 300 11.35 22.34 27.79
CA GLY B 300 12.70 22.38 27.23
C GLY B 300 12.75 21.97 25.77
N GLU B 301 13.85 21.35 25.36
CA GLU B 301 14.02 20.96 23.96
C GLU B 301 13.13 19.77 23.62
N ALA B 302 12.41 19.84 22.51
CA ALA B 302 11.56 18.72 22.10
C ALA B 302 12.41 17.49 21.76
N ILE B 303 12.16 16.37 22.45
CA ILE B 303 12.83 15.10 22.12
C ILE B 303 11.85 14.19 21.34
N PRO B 304 12.14 13.94 20.04
CA PRO B 304 11.33 12.93 19.34
C PRO B 304 11.64 11.52 19.82
N LEU B 305 10.62 10.70 20.01
CA LEU B 305 10.84 9.30 20.33
C LEU B 305 11.25 8.56 19.08
N GLU B 306 11.90 7.42 19.27
CA GLU B 306 12.25 6.55 18.16
C GLU B 306 10.96 5.86 17.75
N GLY B 307 10.81 5.61 16.45
CA GLY B 307 9.54 5.19 15.90
C GLY B 307 9.65 4.26 14.72
N ARG B 308 8.52 3.65 14.36
CA ARG B 308 8.43 2.78 13.21
C ARG B 308 8.50 3.69 11.99
N GLU B 309 9.38 3.41 11.05
CA GLU B 309 9.51 4.28 9.90
C GLU B 309 8.29 4.15 8.97
N GLU B 310 7.91 5.25 8.35
CA GLU B 310 6.93 5.24 7.26
C GLU B 310 7.69 5.59 5.98
N ASN B 311 7.37 4.89 4.91
CA ASN B 311 7.98 5.16 3.61
C ASN B 311 6.97 5.34 2.46
N ILE B 312 5.67 5.29 2.73
CA ILE B 312 4.67 5.31 1.68
C ILE B 312 4.39 6.73 1.22
N VAL B 313 4.42 6.96 -0.09
CA VAL B 313 3.97 8.20 -0.67
C VAL B 313 2.95 7.86 -1.75
N PHE B 314 1.90 8.68 -1.84
CA PHE B 314 0.94 8.59 -2.95
C PHE B 314 1.04 9.83 -3.84
N GLU B 315 1.38 9.64 -5.11
CA GLU B 315 1.52 10.79 -6.01
C GLU B 315 0.17 11.36 -6.43
N VAL B 316 0.16 12.66 -6.70
CA VAL B 316 -0.97 13.31 -7.35
C VAL B 316 -1.13 12.76 -8.77
N PRO B 317 -2.34 12.86 -9.31
CA PRO B 317 -2.56 12.48 -10.71
C PRO B 317 -1.64 13.28 -11.63
N LYS B 318 -1.22 12.65 -12.72
CA LYS B 318 -0.26 13.26 -13.66
C LYS B 318 -0.76 14.61 -14.17
N GLU B 319 -2.05 14.72 -14.44
CA GLU B 319 -2.61 15.96 -14.96
C GLU B 319 -2.39 17.11 -13.97
N LEU B 320 -2.18 16.80 -12.69
CA LEU B 320 -2.00 17.84 -11.69
C LEU B 320 -0.56 18.10 -11.23
N ARG B 321 0.41 17.50 -11.94
CA ARG B 321 1.81 17.77 -11.62
C ARG B 321 2.14 19.23 -11.88
N VAL B 322 2.90 19.80 -10.96
CA VAL B 322 3.43 21.14 -11.10
C VAL B 322 4.94 20.99 -11.35
FE1 F3S C . 5.58 -5.89 -6.43
FE3 F3S C . 7.35 -4.92 -4.60
FE4 F3S C . 7.68 -4.46 -7.23
S1 F3S C . 6.27 -6.90 -4.51
S2 F3S C . 6.84 -6.31 -8.33
S3 F3S C . 5.96 -3.64 -5.89
S4 F3S C . 9.28 -5.12 -5.81
C1 2E6 D . 10.94 -8.52 -5.34
C2 2E6 D . 9.66 -9.00 -5.18
C3 2E6 D . 8.75 -8.77 -6.19
O14 2E6 D . 9.65 -10.98 -10.46
P13 2E6 D . 10.75 -11.28 -9.52
O15 2E6 D . 11.65 -12.47 -10.08
O16 2E6 D . 10.36 -11.61 -8.05
O12 2E6 D . 11.81 -10.09 -9.31
P9 2E6 D . 11.95 -8.76 -10.20
O10 2E6 D . 13.14 -8.15 -9.60
O11 2E6 D . 12.07 -8.98 -11.76
O8 2E6 D . 10.72 -7.80 -9.96
C7 2E6 D . 10.72 -6.94 -8.82
C5 2E6 D . 10.36 -7.70 -7.53
C6 2E6 D . 11.29 -7.88 -6.50
N4 2E6 D . 9.11 -8.11 -7.32
FE1 F3S E . -5.19 6.47 6.34
FE3 F3S E . -5.50 7.40 3.75
FE4 F3S E . -4.40 8.92 5.71
S1 F3S E . -6.93 6.08 4.95
S2 F3S E . -5.33 8.32 7.75
S3 F3S E . -3.53 6.99 4.78
S4 F3S E . -5.96 9.60 4.26
C1 2E6 F . -9.73 10.06 4.73
C2 2E6 F . -9.76 8.77 5.24
C3 2E6 F . -8.94 8.52 6.35
O14 2E6 F . -12.00 11.92 10.41
P13 2E6 F . -10.82 11.29 9.55
O15 2E6 F . -9.83 10.75 10.53
O16 2E6 F . -11.28 10.15 8.54
O12 2E6 F . -10.25 12.37 8.53
P9 2E6 F . -8.86 13.13 8.72
O10 2E6 F . -8.58 13.71 10.15
O11 2E6 F . -8.88 14.03 7.54
O8 2E6 F . -7.70 12.08 8.42
C7 2E6 F . -7.27 11.77 7.11
C5 2E6 F . -8.16 10.72 6.47
C6 2E6 F . -8.93 11.02 5.35
N4 2E6 F . -8.19 9.48 6.93
#